data_2V7A
#
_entry.id   2V7A
#
_cell.length_a   159.757
_cell.length_b   159.757
_cell.length_c   56.931
_cell.angle_alpha   90.00
_cell.angle_beta   90.00
_cell.angle_gamma   120.00
#
_symmetry.space_group_name_H-M   'P 62'
#
loop_
_entity.id
_entity.type
_entity.pdbx_description
1 polymer 'PROTO-ONCOGENE TYROSINE-PROTEIN KINASE ABL1'
2 non-polymer N-[(3E)-5-[(2R)-2-METHOXY-2-PHENYLACETYL]PYRROLO[3,4-C]PYRAZOL-3(5H)-YLIDENE]-4-(4-METHYLPIPERAZIN-1-YL)BENZAMIDE
3 non-polymer 'MAGNESIUM ION'
4 water water
#
_entity_poly.entity_id   1
_entity_poly.type   'polypeptide(L)'
_entity_poly.pdbx_seq_one_letter_code
;GPSPNYDKWEMERTDITMKHKLGGGQYGEVYEGVWKKYSLTVAVKTLKEDTMEVEEFLKEAAVMKEIKHPNLVQLLGVCT
REPPFYIIIEFMTYGNLLDYLRECNRQEVNAVVLLYMATQISSAMEYLEKKNFIHRDLAARNCLVGENHLVKVADFGLSR
LMTGDT(PTR)TAHAGAKFPIKWTAPESLAYNKFSIKSDVWAFGVLLWEIATYGMSPYPGIDLSQVYELLEKDYRMERPE
GCPEKVYELMRACWQWNPSDRPSFAEIHQAFETMFQESSISDEVEKELGK
;
_entity_poly.pdbx_strand_id   A,B
#
# COMPACT_ATOMS: atom_id res chain seq x y z
N ASP A 7 -32.67 -32.41 -10.72
CA ASP A 7 -32.45 -31.27 -9.77
C ASP A 7 -31.35 -31.63 -8.75
N LYS A 8 -30.35 -30.77 -8.62
CA LYS A 8 -29.11 -31.08 -7.87
C LYS A 8 -29.24 -31.50 -6.39
N TRP A 9 -30.38 -31.23 -5.75
CA TRP A 9 -30.52 -31.55 -4.33
C TRP A 9 -31.10 -32.94 -4.11
N GLU A 10 -31.69 -33.50 -5.16
CA GLU A 10 -32.35 -34.79 -5.07
C GLU A 10 -31.33 -35.89 -4.93
N MET A 11 -31.69 -36.88 -4.11
CA MET A 11 -30.82 -38.02 -3.86
C MET A 11 -31.67 -39.26 -3.59
N GLU A 12 -31.03 -40.42 -3.61
CA GLU A 12 -31.68 -41.71 -3.47
C GLU A 12 -31.99 -42.02 -2.01
N ARG A 13 -33.26 -42.21 -1.70
CA ARG A 13 -33.73 -42.73 -0.41
C ARG A 13 -32.81 -43.81 0.21
N THR A 14 -32.27 -44.69 -0.61
CA THR A 14 -31.49 -45.83 -0.10
C THR A 14 -30.11 -45.43 0.42
N ASP A 15 -29.67 -44.20 0.18
CA ASP A 15 -28.40 -43.69 0.74
C ASP A 15 -28.44 -43.52 2.27
N ILE A 16 -29.65 -43.41 2.80
CA ILE A 16 -29.90 -43.04 4.17
C ILE A 16 -30.43 -44.23 4.94
N THR A 17 -29.87 -44.47 6.13
CA THR A 17 -30.46 -45.39 7.10
C THR A 17 -30.90 -44.63 8.33
N MET A 18 -32.08 -44.94 8.83
CA MET A 18 -32.55 -44.36 10.07
C MET A 18 -31.91 -44.98 11.29
N LYS A 19 -31.57 -44.13 12.26
CA LYS A 19 -30.96 -44.57 13.49
C LYS A 19 -31.90 -44.47 14.67
N HIS A 20 -32.47 -43.29 14.91
CA HIS A 20 -33.37 -43.09 16.06
C HIS A 20 -34.41 -42.04 15.73
N LYS A 21 -35.60 -42.14 16.32
CA LYS A 21 -36.57 -41.03 16.26
C LYS A 21 -36.04 -39.89 17.11
N LEU A 22 -36.20 -38.66 16.66
CA LEU A 22 -35.72 -37.54 17.47
C LEU A 22 -36.82 -36.81 18.22
N GLY A 23 -38.05 -36.87 17.69
CA GLY A 23 -39.15 -36.09 18.23
C GLY A 23 -39.09 -34.70 17.66
N GLY A 24 -40.00 -33.83 18.10
CA GLY A 24 -39.99 -32.42 17.71
C GLY A 24 -40.62 -32.09 16.38
N GLY A 25 -41.12 -33.11 15.68
CA GLY A 25 -41.71 -32.90 14.35
C GLY A 25 -43.11 -32.31 14.32
N GLN A 26 -43.46 -31.71 13.19
CA GLN A 26 -44.73 -31.07 13.01
C GLN A 26 -45.59 -31.88 12.06
N TYR A 27 -45.10 -32.11 10.86
CA TYR A 27 -45.80 -32.87 9.82
C TYR A 27 -45.46 -34.37 9.82
N GLY A 28 -44.50 -34.77 10.65
CA GLY A 28 -44.03 -36.14 10.63
C GLY A 28 -42.83 -36.34 11.52
N GLU A 29 -42.41 -37.58 11.68
CA GLU A 29 -41.31 -37.87 12.56
C GLU A 29 -39.99 -37.27 12.02
N VAL A 30 -39.08 -36.94 12.94
CA VAL A 30 -37.77 -36.41 12.60
C VAL A 30 -36.74 -37.40 13.09
N TYR A 31 -35.89 -37.88 12.19
CA TYR A 31 -34.99 -38.96 12.55
C TYR A 31 -33.54 -38.51 12.58
N GLU A 32 -32.77 -39.14 13.47
CA GLU A 32 -31.33 -39.20 13.34
C GLU A 32 -31.03 -40.35 12.41
N GLY A 33 -30.35 -40.08 11.31
CA GLY A 33 -29.99 -41.09 10.33
C GLY A 33 -28.54 -40.95 9.95
N VAL A 34 -28.09 -41.81 9.03
CA VAL A 34 -26.72 -41.83 8.55
C VAL A 34 -26.70 -41.88 7.05
N TRP A 35 -26.10 -40.87 6.43
CA TRP A 35 -25.78 -40.89 5.02
C TRP A 35 -24.62 -41.88 4.80
N LYS A 36 -24.94 -43.11 4.41
CA LYS A 36 -23.96 -44.21 4.50
C LYS A 36 -22.67 -43.97 3.73
N LYS A 37 -22.76 -43.42 2.53
CA LYS A 37 -21.55 -43.29 1.74
C LYS A 37 -20.55 -42.26 2.32
N TYR A 38 -21.04 -41.32 3.14
CA TYR A 38 -20.17 -40.28 3.72
C TYR A 38 -19.91 -40.53 5.18
N SER A 39 -20.51 -41.57 5.75
CA SER A 39 -20.39 -41.85 7.18
C SER A 39 -20.90 -40.72 8.07
N LEU A 40 -21.86 -39.97 7.54
CA LEU A 40 -22.26 -38.76 8.18
C LEU A 40 -23.62 -38.94 8.86
N THR A 41 -23.66 -38.72 10.18
CA THR A 41 -24.93 -38.46 10.85
C THR A 41 -25.61 -37.18 10.29
N VAL A 42 -26.91 -37.32 10.06
CA VAL A 42 -27.75 -36.29 9.48
C VAL A 42 -29.07 -36.26 10.25
N ALA A 43 -29.85 -35.20 10.09
CA ALA A 43 -31.23 -35.20 10.55
C ALA A 43 -32.12 -35.37 9.35
N VAL A 44 -33.17 -36.14 9.52
CA VAL A 44 -34.07 -36.41 8.42
C VAL A 44 -35.53 -36.12 8.79
N LYS A 45 -36.10 -35.09 8.18
CA LYS A 45 -37.47 -34.71 8.46
C LYS A 45 -38.36 -35.41 7.47
N THR A 46 -39.35 -36.11 7.98
CA THR A 46 -40.20 -36.92 7.13
C THR A 46 -41.62 -36.40 7.10
N LEU A 47 -42.35 -36.74 6.04
CA LEU A 47 -43.74 -36.37 5.92
C LEU A 47 -44.64 -37.60 6.03
N LYS A 48 -45.56 -37.58 6.99
CA LYS A 48 -46.68 -38.55 7.10
C LYS A 48 -47.51 -38.56 5.80
N GLU A 49 -47.43 -39.65 5.03
CA GLU A 49 -48.16 -39.81 3.75
C GLU A 49 -49.60 -39.24 3.73
N ASP A 50 -50.25 -39.30 4.90
CA ASP A 50 -51.67 -38.98 5.07
C ASP A 50 -52.03 -37.52 5.46
N THR A 51 -51.14 -36.57 5.15
CA THR A 51 -51.45 -35.14 5.31
C THR A 51 -51.70 -34.50 3.95
N MET A 52 -52.40 -33.36 3.94
CA MET A 52 -52.45 -32.49 2.77
C MET A 52 -51.54 -31.27 2.99
N GLU A 53 -50.65 -31.41 3.96
CA GLU A 53 -49.62 -30.42 4.24
C GLU A 53 -48.34 -30.70 3.44
N VAL A 54 -48.48 -31.41 2.32
CA VAL A 54 -47.37 -31.69 1.40
C VAL A 54 -46.72 -30.39 0.92
N GLU A 55 -47.57 -29.42 0.60
CA GLU A 55 -47.14 -28.12 0.07
C GLU A 55 -46.19 -27.40 1.04
N GLU A 56 -46.58 -27.29 2.30
CA GLU A 56 -45.81 -26.53 3.28
C GLU A 56 -44.49 -27.21 3.56
N PHE A 57 -44.57 -28.52 3.76
CA PHE A 57 -43.39 -29.37 3.85
C PHE A 57 -42.41 -29.15 2.69
N LEU A 58 -42.91 -29.11 1.46
CA LEU A 58 -42.03 -28.88 0.33
C LEU A 58 -41.50 -27.43 0.24
N LYS A 59 -42.25 -26.50 0.83
CA LYS A 59 -41.90 -25.09 0.83
C LYS A 59 -40.66 -24.86 1.67
N GLU A 60 -40.60 -25.55 2.80
CA GLU A 60 -39.43 -25.55 3.68
C GLU A 60 -38.19 -25.95 2.88
N ALA A 61 -38.32 -27.01 2.10
CA ALA A 61 -37.23 -27.54 1.33
C ALA A 61 -36.81 -26.53 0.29
N ALA A 62 -37.79 -25.89 -0.36
CA ALA A 62 -37.47 -24.97 -1.45
C ALA A 62 -36.66 -23.80 -0.96
N VAL A 63 -37.01 -23.32 0.23
CA VAL A 63 -36.35 -22.18 0.84
C VAL A 63 -34.90 -22.49 1.23
N MET A 64 -34.69 -23.69 1.73
CA MET A 64 -33.35 -24.07 2.20
C MET A 64 -32.36 -24.23 1.05
N LYS A 65 -32.87 -24.45 -0.16
CA LYS A 65 -31.98 -24.45 -1.33
C LYS A 65 -31.38 -23.08 -1.61
N GLU A 66 -32.04 -22.03 -1.14
CA GLU A 66 -31.73 -20.70 -1.59
C GLU A 66 -30.92 -19.90 -0.57
N ILE A 67 -30.65 -20.48 0.61
CA ILE A 67 -29.93 -19.76 1.67
C ILE A 67 -28.70 -20.56 2.12
N LYS A 68 -27.67 -19.87 2.63
CA LYS A 68 -26.47 -20.53 3.09
C LYS A 68 -25.63 -19.62 3.93
N HIS A 69 -25.35 -20.04 5.18
CA HIS A 69 -24.67 -19.19 6.16
C HIS A 69 -24.27 -20.07 7.31
N PRO A 70 -23.09 -19.82 7.89
CA PRO A 70 -22.60 -20.68 8.99
C PRO A 70 -23.58 -20.86 10.13
N ASN A 71 -24.52 -19.93 10.29
CA ASN A 71 -25.45 -19.96 11.41
C ASN A 71 -26.88 -20.17 10.99
N LEU A 72 -27.07 -20.78 9.82
CA LEU A 72 -28.37 -21.27 9.40
C LEU A 72 -28.27 -22.78 9.18
N VAL A 73 -29.11 -23.57 9.86
CA VAL A 73 -28.95 -25.03 9.73
C VAL A 73 -28.98 -25.40 8.24
N GLN A 74 -28.06 -26.28 7.81
CA GLN A 74 -27.78 -26.47 6.37
C GLN A 74 -28.55 -27.63 5.73
N LEU A 75 -29.23 -27.34 4.62
CA LEU A 75 -29.82 -28.40 3.80
C LEU A 75 -28.73 -29.28 3.16
N LEU A 76 -28.92 -30.60 3.19
CA LEU A 76 -27.95 -31.53 2.59
C LEU A 76 -28.49 -32.22 1.34
N GLY A 77 -29.79 -32.51 1.34
CA GLY A 77 -30.46 -33.00 0.15
C GLY A 77 -31.91 -33.29 0.44
N VAL A 78 -32.63 -33.73 -0.59
CA VAL A 78 -34.03 -34.10 -0.45
C VAL A 78 -34.37 -35.39 -1.18
N CYS A 79 -35.45 -36.02 -0.73
CA CYS A 79 -36.05 -37.12 -1.45
C CYS A 79 -37.51 -36.78 -1.66
N THR A 80 -37.83 -36.34 -2.88
CA THR A 80 -39.17 -35.82 -3.20
C THR A 80 -39.67 -36.21 -4.59
N ARG A 81 -39.38 -37.43 -5.04
CA ARG A 81 -40.00 -37.92 -6.27
C ARG A 81 -41.13 -38.92 -5.95
N GLU A 82 -41.39 -39.15 -4.66
CA GLU A 82 -42.48 -40.04 -4.18
C GLU A 82 -42.31 -40.37 -2.68
N PRO A 83 -43.41 -40.77 -2.00
CA PRO A 83 -43.37 -40.98 -0.53
C PRO A 83 -42.35 -42.01 -0.05
N PRO A 84 -42.06 -42.01 1.27
CA PRO A 84 -42.27 -40.85 2.15
C PRO A 84 -41.27 -39.73 1.83
N PHE A 85 -41.71 -38.48 1.83
CA PHE A 85 -40.82 -37.36 1.50
C PHE A 85 -39.79 -37.15 2.62
N TYR A 86 -38.57 -36.77 2.22
CA TYR A 86 -37.49 -36.53 3.16
C TYR A 86 -36.89 -35.18 2.90
N ILE A 87 -36.59 -34.47 3.97
CA ILE A 87 -35.69 -33.32 3.91
C ILE A 87 -34.52 -33.67 4.80
N ILE A 88 -33.31 -33.60 4.24
CA ILE A 88 -32.09 -34.00 4.95
C ILE A 88 -31.25 -32.78 5.33
N ILE A 89 -30.87 -32.71 6.60
CA ILE A 89 -30.31 -31.50 7.17
C ILE A 89 -29.15 -31.90 8.09
N GLU A 90 -28.12 -31.05 8.16
CA GLU A 90 -26.98 -31.28 9.08
C GLU A 90 -27.51 -31.59 10.47
N PHE A 91 -26.83 -32.49 11.16
CA PHE A 91 -27.21 -32.91 12.50
C PHE A 91 -26.61 -31.94 13.53
N MET A 92 -27.45 -31.38 14.38
CA MET A 92 -26.97 -30.54 15.49
C MET A 92 -27.15 -31.33 16.78
N THR A 93 -26.05 -31.60 17.46
CA THR A 93 -25.96 -32.67 18.47
C THR A 93 -26.69 -32.35 19.75
N TYR A 94 -26.80 -31.08 20.08
CA TYR A 94 -27.46 -30.71 21.33
C TYR A 94 -28.95 -30.41 21.26
N GLY A 95 -29.58 -30.47 20.09
CA GLY A 95 -31.01 -30.13 19.98
C GLY A 95 -31.39 -28.65 20.22
N ASN A 96 -32.61 -28.41 20.69
CA ASN A 96 -33.15 -27.03 20.65
C ASN A 96 -32.52 -26.07 21.67
N LEU A 97 -32.44 -24.79 21.30
CA LEU A 97 -31.77 -23.80 22.16
C LEU A 97 -32.48 -23.60 23.51
N LEU A 98 -33.82 -23.66 23.49
CA LEU A 98 -34.62 -23.52 24.70
C LEU A 98 -34.29 -24.53 25.79
N ASP A 99 -34.32 -25.82 25.46
CA ASP A 99 -33.96 -26.85 26.44
C ASP A 99 -32.46 -26.77 26.76
N TYR A 100 -31.66 -26.40 25.78
CA TYR A 100 -30.25 -26.21 26.03
C TYR A 100 -30.01 -25.15 27.12
N LEU A 101 -30.74 -24.05 27.08
CA LEU A 101 -30.62 -23.02 28.14
C LEU A 101 -31.16 -23.45 29.51
N ARG A 102 -32.28 -24.15 29.53
CA ARG A 102 -32.85 -24.61 30.81
C ARG A 102 -31.95 -25.60 31.54
N GLU A 103 -31.17 -26.39 30.79
CA GLU A 103 -30.47 -27.55 31.32
C GLU A 103 -28.97 -27.36 31.51
N CYS A 104 -28.45 -26.24 31.03
CA CYS A 104 -27.02 -26.07 30.94
C CYS A 104 -26.41 -25.77 32.32
N ASN A 105 -25.09 -25.74 32.32
CA ASN A 105 -24.31 -25.37 33.47
C ASN A 105 -23.96 -23.91 33.25
N ARG A 106 -24.50 -23.03 34.08
CA ARG A 106 -24.38 -21.59 33.84
C ARG A 106 -22.98 -21.01 34.00
N GLN A 107 -22.10 -21.72 34.73
CA GLN A 107 -20.70 -21.29 34.77
C GLN A 107 -20.04 -21.47 33.40
N GLU A 108 -20.47 -22.48 32.65
CA GLU A 108 -19.99 -22.66 31.28
C GLU A 108 -20.69 -21.73 30.31
N VAL A 109 -22.02 -21.77 30.33
CA VAL A 109 -22.85 -20.92 29.49
C VAL A 109 -23.08 -19.66 30.28
N ASN A 110 -22.06 -18.82 30.29
CA ASN A 110 -22.05 -17.63 31.14
C ASN A 110 -22.30 -16.38 30.32
N ALA A 111 -22.09 -15.21 30.93
CA ALA A 111 -22.42 -13.96 30.28
C ALA A 111 -21.72 -13.80 28.95
N VAL A 112 -20.46 -14.17 28.82
CA VAL A 112 -19.78 -14.05 27.49
C VAL A 112 -20.42 -14.99 26.45
N VAL A 113 -20.83 -16.21 26.87
CA VAL A 113 -21.53 -17.16 25.96
C VAL A 113 -22.89 -16.63 25.48
N LEU A 114 -23.66 -16.02 26.38
CA LEU A 114 -24.92 -15.37 26.01
C LEU A 114 -24.74 -14.38 24.87
N LEU A 115 -23.76 -13.49 25.00
CA LEU A 115 -23.38 -12.53 23.92
C LEU A 115 -22.95 -13.25 22.64
N TYR A 116 -22.21 -14.34 22.82
CA TYR A 116 -21.79 -15.14 21.66
C TYR A 116 -23.00 -15.71 20.92
N MET A 117 -23.99 -16.19 21.67
CA MET A 117 -25.19 -16.78 21.07
C MET A 117 -25.94 -15.74 20.26
N ALA A 118 -26.10 -14.54 20.84
CA ALA A 118 -26.83 -13.48 20.15
C ALA A 118 -26.09 -12.98 18.93
N THR A 119 -24.77 -12.97 18.98
CA THR A 119 -24.00 -12.52 17.82
C THR A 119 -24.18 -13.50 16.67
N GLN A 120 -24.20 -14.78 17.03
CA GLN A 120 -24.42 -15.85 16.05
C GLN A 120 -25.76 -15.72 15.32
N ILE A 121 -26.83 -15.53 16.09
CA ILE A 121 -28.18 -15.45 15.54
C ILE A 121 -28.32 -14.19 14.72
N SER A 122 -27.79 -13.07 15.22
CA SER A 122 -27.95 -11.80 14.49
C SER A 122 -27.15 -11.79 13.22
N SER A 123 -26.02 -12.49 13.23
CA SER A 123 -25.25 -12.68 12.00
C SER A 123 -26.10 -13.41 10.95
N ALA A 124 -26.80 -14.45 11.37
CA ALA A 124 -27.66 -15.17 10.43
C ALA A 124 -28.80 -14.28 9.93
N MET A 125 -29.33 -13.46 10.83
CA MET A 125 -30.53 -12.72 10.52
C MET A 125 -30.18 -11.55 9.67
N GLU A 126 -29.02 -10.93 9.94
CA GLU A 126 -28.42 -9.94 9.03
C GLU A 126 -28.27 -10.49 7.63
N TYR A 127 -27.87 -11.75 7.53
CA TYR A 127 -27.71 -12.35 6.21
C TYR A 127 -29.08 -12.42 5.49
N LEU A 128 -30.10 -12.87 6.22
CA LEU A 128 -31.44 -12.99 5.68
C LEU A 128 -32.02 -11.63 5.28
N GLU A 129 -31.76 -10.65 6.14
CA GLU A 129 -32.19 -9.27 5.91
C GLU A 129 -31.64 -8.81 4.58
N LYS A 130 -30.34 -8.99 4.41
CA LYS A 130 -29.61 -8.56 3.23
C LYS A 130 -30.23 -9.11 1.95
N LYS A 131 -30.65 -10.37 1.98
CA LYS A 131 -31.21 -11.07 0.82
C LYS A 131 -32.73 -10.97 0.73
N ASN A 132 -33.27 -10.09 1.58
CA ASN A 132 -34.70 -9.81 1.61
C ASN A 132 -35.60 -11.00 1.99
N PHE A 133 -35.08 -11.88 2.86
CA PHE A 133 -35.83 -13.01 3.42
C PHE A 133 -36.38 -12.66 4.80
N ILE A 134 -37.50 -13.27 5.17
CA ILE A 134 -37.97 -13.24 6.53
C ILE A 134 -38.15 -14.66 7.03
N HIS A 135 -37.98 -14.86 8.33
CA HIS A 135 -38.08 -16.15 8.94
C HIS A 135 -39.49 -16.46 9.49
N ARG A 136 -39.97 -15.58 10.38
CA ARG A 136 -41.36 -15.58 10.88
C ARG A 136 -41.65 -16.54 12.02
N ASP A 137 -40.61 -17.15 12.56
CA ASP A 137 -40.74 -18.14 13.65
C ASP A 137 -39.46 -18.19 14.51
N LEU A 138 -38.80 -17.05 14.64
CA LEU A 138 -37.61 -16.93 15.46
C LEU A 138 -37.99 -17.04 16.92
N ALA A 139 -37.45 -18.03 17.60
CA ALA A 139 -37.70 -18.33 19.03
C ALA A 139 -36.62 -19.30 19.48
N ALA A 140 -36.31 -19.36 20.76
CA ALA A 140 -35.37 -20.37 21.23
C ALA A 140 -35.75 -21.78 20.74
N ARG A 141 -37.05 -22.14 20.79
CA ARG A 141 -37.47 -23.52 20.41
C ARG A 141 -37.13 -23.90 18.95
N ASN A 142 -36.81 -22.90 18.13
CA ASN A 142 -36.55 -23.12 16.70
C ASN A 142 -35.10 -22.89 16.29
N CYS A 143 -34.24 -22.67 17.29
CA CYS A 143 -32.79 -22.60 17.07
C CYS A 143 -32.22 -23.90 17.56
N LEU A 144 -31.09 -24.26 17.00
CA LEU A 144 -30.49 -25.54 17.19
C LEU A 144 -29.06 -25.32 17.68
N VAL A 145 -28.57 -26.24 18.52
CA VAL A 145 -27.26 -26.08 19.16
C VAL A 145 -26.30 -27.23 18.84
N GLY A 146 -25.06 -26.87 18.49
CA GLY A 146 -23.95 -27.82 18.29
C GLY A 146 -22.88 -27.67 19.37
N GLU A 147 -21.67 -28.13 19.10
CA GLU A 147 -20.66 -28.19 20.15
C GLU A 147 -20.10 -26.82 20.38
N ASN A 148 -19.87 -26.49 21.64
CA ASN A 148 -19.19 -25.25 22.00
C ASN A 148 -20.01 -24.02 21.64
N HIS A 149 -21.26 -24.14 22.10
CA HIS A 149 -22.30 -23.11 22.02
C HIS A 149 -22.49 -22.53 20.63
N LEU A 150 -22.22 -23.32 19.59
CA LEU A 150 -22.62 -22.98 18.24
C LEU A 150 -24.14 -23.04 18.22
N VAL A 151 -24.75 -22.02 17.65
CA VAL A 151 -26.19 -21.91 17.62
C VAL A 151 -26.57 -21.59 16.19
N LYS A 152 -27.59 -22.27 15.70
CA LYS A 152 -28.07 -21.97 14.35
C LYS A 152 -29.57 -21.80 14.33
N VAL A 153 -30.04 -20.83 13.57
CA VAL A 153 -31.44 -20.63 13.30
C VAL A 153 -31.87 -21.80 12.44
N ALA A 154 -33.07 -22.34 12.68
CA ALA A 154 -33.54 -23.52 11.92
C ALA A 154 -35.05 -23.40 11.72
N ASP A 155 -35.71 -24.46 11.21
CA ASP A 155 -37.15 -24.53 11.09
C ASP A 155 -37.66 -23.45 10.13
N PHE A 156 -37.30 -23.61 8.84
CA PHE A 156 -37.52 -22.58 7.83
C PHE A 156 -38.83 -22.74 7.09
N GLY A 157 -39.74 -23.52 7.65
CA GLY A 157 -41.02 -23.80 7.01
C GLY A 157 -41.82 -22.57 6.67
N LEU A 158 -41.59 -21.50 7.44
CA LEU A 158 -42.39 -20.28 7.33
C LEU A 158 -41.58 -19.16 6.72
N SER A 159 -40.33 -19.44 6.34
CA SER A 159 -39.48 -18.44 5.75
C SER A 159 -39.91 -18.14 4.34
N ARG A 160 -39.71 -16.89 3.92
CA ARG A 160 -40.15 -16.44 2.62
C ARG A 160 -39.18 -15.43 2.02
N LEU A 161 -39.05 -15.47 0.69
CA LEU A 161 -38.41 -14.40 -0.05
C LEU A 161 -39.51 -13.40 -0.36
N MET A 162 -39.38 -12.17 0.13
CA MET A 162 -40.40 -11.14 -0.12
C MET A 162 -40.15 -10.46 -1.43
N THR A 163 -41.19 -10.04 -2.13
CA THR A 163 -40.94 -9.23 -3.30
C THR A 163 -40.85 -7.72 -2.95
N GLY A 164 -41.67 -7.26 -2.01
CA GLY A 164 -41.46 -5.89 -1.51
C GLY A 164 -40.71 -5.89 -0.18
N ASP A 165 -41.17 -5.04 0.74
CA ASP A 165 -40.66 -5.04 2.10
C ASP A 165 -41.63 -5.68 3.11
N THR A 166 -42.77 -6.19 2.62
CA THR A 166 -43.84 -6.69 3.47
C THR A 166 -44.36 -8.02 2.95
N THR A 168 -47.79 -10.68 3.77
CA THR A 168 -49.05 -10.80 4.48
C THR A 168 -49.46 -12.27 4.48
N ALA A 169 -49.66 -12.85 5.66
CA ALA A 169 -50.08 -14.25 5.74
C ALA A 169 -51.55 -14.27 5.30
N HIS A 170 -52.06 -15.46 5.08
CA HIS A 170 -53.38 -15.63 4.53
C HIS A 170 -54.36 -15.76 5.66
N ALA A 171 -55.59 -15.32 5.38
CA ALA A 171 -56.68 -15.42 6.30
C ALA A 171 -56.70 -16.77 7.04
N GLY A 172 -56.86 -16.68 8.36
CA GLY A 172 -56.93 -17.87 9.21
C GLY A 172 -55.64 -18.27 9.88
N ALA A 173 -54.52 -17.73 9.40
CA ALA A 173 -53.23 -18.09 9.98
C ALA A 173 -53.11 -17.57 11.40
N LYS A 174 -52.52 -18.39 12.28
CA LYS A 174 -52.36 -18.08 13.70
C LYS A 174 -50.89 -18.17 14.09
N PHE A 175 -50.42 -17.14 14.81
CA PHE A 175 -49.02 -17.10 15.22
C PHE A 175 -48.87 -17.17 16.71
N PRO A 176 -47.69 -17.63 17.19
CA PRO A 176 -47.49 -17.74 18.65
C PRO A 176 -47.47 -16.34 19.28
N ILE A 177 -48.40 -16.08 20.20
CA ILE A 177 -48.74 -14.72 20.59
C ILE A 177 -47.53 -13.97 21.15
N LYS A 178 -46.76 -14.65 21.97
CA LYS A 178 -45.72 -13.99 22.77
C LYS A 178 -44.41 -13.70 22.03
N TRP A 179 -44.31 -14.15 20.77
CA TRP A 179 -43.13 -13.84 19.95
C TRP A 179 -43.51 -12.94 18.76
N THR A 180 -44.79 -12.68 18.59
CA THR A 180 -45.23 -12.08 17.36
C THR A 180 -45.46 -10.57 17.50
N ALA A 181 -44.89 -9.81 16.57
CA ALA A 181 -45.08 -8.37 16.47
C ALA A 181 -46.56 -7.95 16.39
N PRO A 182 -46.91 -6.82 17.04
CA PRO A 182 -48.31 -6.39 17.04
C PRO A 182 -48.92 -6.24 15.65
N GLU A 183 -48.21 -5.63 14.70
CA GLU A 183 -48.70 -5.52 13.31
C GLU A 183 -49.01 -6.91 12.69
N SER A 184 -48.27 -7.92 13.14
CA SER A 184 -48.46 -9.27 12.69
C SER A 184 -49.69 -9.94 13.33
N LEU A 185 -49.81 -9.82 14.65
CA LEU A 185 -51.03 -10.23 15.33
C LEU A 185 -52.26 -9.51 14.78
N ALA A 186 -52.17 -8.19 14.60
CA ALA A 186 -53.37 -7.43 14.21
C ALA A 186 -53.75 -7.60 12.73
N TYR A 187 -52.77 -7.57 11.82
CA TYR A 187 -53.06 -7.50 10.39
C TYR A 187 -52.32 -8.54 9.56
N ASN A 188 -51.66 -9.49 10.21
CA ASN A 188 -50.92 -10.52 9.50
C ASN A 188 -49.80 -10.01 8.60
N LYS A 189 -49.28 -8.83 8.94
CA LYS A 189 -48.21 -8.20 8.19
C LYS A 189 -46.88 -8.61 8.78
N PHE A 190 -46.01 -9.14 7.95
CA PHE A 190 -44.71 -9.55 8.40
C PHE A 190 -43.67 -8.84 7.57
N SER A 191 -42.49 -8.67 8.15
CA SER A 191 -41.44 -7.93 7.47
C SER A 191 -40.17 -8.29 8.18
N ILE A 192 -39.05 -7.83 7.66
CA ILE A 192 -37.79 -7.94 8.41
C ILE A 192 -37.96 -7.41 9.85
N LYS A 193 -38.74 -6.34 10.00
CA LYS A 193 -38.98 -5.69 11.31
C LYS A 193 -39.77 -6.53 12.31
N SER A 194 -40.66 -7.39 11.82
CA SER A 194 -41.34 -8.33 12.69
C SER A 194 -40.42 -9.48 13.11
N ASP A 195 -39.46 -9.84 12.26
CA ASP A 195 -38.37 -10.74 12.70
C ASP A 195 -37.53 -10.08 13.80
N VAL A 196 -37.34 -8.77 13.70
CA VAL A 196 -36.59 -8.04 14.70
C VAL A 196 -37.31 -8.07 16.04
N TRP A 197 -38.64 -7.94 16.05
CA TRP A 197 -39.44 -8.07 17.29
C TRP A 197 -39.20 -9.42 17.95
N ALA A 198 -39.33 -10.49 17.16
CA ALA A 198 -39.19 -11.83 17.70
C ALA A 198 -37.77 -12.02 18.21
N PHE A 199 -36.80 -11.53 17.44
CA PHE A 199 -35.40 -11.60 17.90
C PHE A 199 -35.28 -11.00 19.30
N GLY A 200 -35.93 -9.86 19.52
CA GLY A 200 -35.97 -9.26 20.87
C GLY A 200 -36.50 -10.20 21.94
N VAL A 201 -37.62 -10.86 21.66
CA VAL A 201 -38.15 -11.89 22.56
C VAL A 201 -37.15 -13.05 22.74
N LEU A 202 -36.52 -13.46 21.62
CA LEU A 202 -35.45 -14.44 21.67
C LEU A 202 -34.28 -14.03 22.59
N LEU A 203 -33.86 -12.77 22.57
CA LEU A 203 -32.87 -12.28 23.58
C LEU A 203 -33.37 -12.44 24.99
N TRP A 204 -34.67 -12.21 25.23
CA TRP A 204 -35.15 -12.27 26.58
C TRP A 204 -35.06 -13.72 27.03
N GLU A 205 -35.35 -14.65 26.12
CA GLU A 205 -35.24 -16.10 26.39
C GLU A 205 -33.81 -16.47 26.74
N ILE A 206 -32.85 -15.90 26.01
CA ILE A 206 -31.44 -16.15 26.30
C ILE A 206 -31.06 -15.57 27.66
N ALA A 207 -31.48 -14.33 27.93
CA ALA A 207 -31.08 -13.68 29.17
C ALA A 207 -31.63 -14.40 30.40
N THR A 208 -32.78 -15.04 30.26
CA THR A 208 -33.43 -15.76 31.36
C THR A 208 -33.12 -17.25 31.38
N TYR A 209 -32.26 -17.73 30.49
CA TYR A 209 -31.95 -19.17 30.35
C TYR A 209 -33.24 -19.99 30.10
N GLY A 210 -34.09 -19.43 29.23
CA GLY A 210 -35.28 -20.11 28.73
C GLY A 210 -36.53 -20.08 29.57
N MET A 211 -36.81 -18.96 30.23
CA MET A 211 -38.12 -18.81 30.85
C MET A 211 -39.12 -18.56 29.74
N SER A 212 -40.40 -18.83 30.04
CA SER A 212 -41.49 -18.45 29.15
C SER A 212 -41.75 -16.98 29.27
N PRO A 213 -41.95 -16.32 28.12
CA PRO A 213 -42.06 -14.86 28.22
C PRO A 213 -43.43 -14.43 28.79
N TYR A 214 -43.57 -13.15 29.12
CA TYR A 214 -44.78 -12.59 29.79
C TYR A 214 -45.30 -13.56 30.84
N PRO A 215 -44.47 -13.82 31.85
CA PRO A 215 -44.81 -14.81 32.85
C PRO A 215 -46.18 -14.55 33.52
N GLY A 216 -47.03 -15.58 33.50
CA GLY A 216 -48.32 -15.55 34.16
C GLY A 216 -49.34 -14.69 33.42
N ILE A 217 -48.91 -14.02 32.36
CA ILE A 217 -49.82 -13.19 31.62
C ILE A 217 -50.61 -13.99 30.60
N ASP A 218 -51.91 -13.90 30.77
CA ASP A 218 -52.92 -14.45 29.90
C ASP A 218 -52.68 -14.07 28.43
N LEU A 219 -52.58 -15.07 27.55
CA LEU A 219 -52.34 -14.89 26.13
C LEU A 219 -53.29 -13.89 25.48
N SER A 220 -54.53 -13.93 25.93
CA SER A 220 -55.59 -13.06 25.43
C SER A 220 -55.39 -11.58 25.68
N GLN A 221 -54.55 -11.25 26.65
CA GLN A 221 -54.40 -9.86 27.03
C GLN A 221 -53.06 -9.31 26.61
N VAL A 222 -52.27 -10.09 25.88
CA VAL A 222 -50.90 -9.65 25.58
C VAL A 222 -50.92 -8.57 24.54
N TYR A 223 -51.67 -8.78 23.46
CA TYR A 223 -51.78 -7.75 22.46
C TYR A 223 -52.21 -6.41 23.05
N GLU A 224 -53.29 -6.39 23.83
CA GLU A 224 -53.78 -5.13 24.42
C GLU A 224 -52.77 -4.48 25.30
N LEU A 225 -52.03 -5.30 26.04
CA LEU A 225 -50.96 -4.77 26.86
C LEU A 225 -49.89 -4.12 26.00
N LEU A 226 -49.56 -4.74 24.87
CA LEU A 226 -48.57 -4.17 23.97
C LEU A 226 -49.02 -2.81 23.46
N GLU A 227 -50.32 -2.69 23.18
CA GLU A 227 -50.88 -1.42 22.69
C GLU A 227 -50.60 -0.28 23.66
N LYS A 228 -50.73 -0.56 24.96
CA LYS A 228 -50.54 0.42 26.01
C LYS A 228 -49.08 0.53 26.43
N ASP A 229 -48.20 -0.02 25.59
CA ASP A 229 -46.75 0.06 25.80
C ASP A 229 -46.25 -0.73 27.03
N TYR A 230 -46.99 -1.75 27.46
CA TYR A 230 -46.36 -2.72 28.36
C TYR A 230 -45.30 -3.55 27.58
N ARG A 231 -44.14 -3.72 28.20
CA ARG A 231 -43.08 -4.60 27.67
C ARG A 231 -42.46 -5.39 28.85
N MET A 232 -41.86 -6.54 28.59
CA MET A 232 -41.18 -7.25 29.66
C MET A 232 -40.09 -6.40 30.34
N GLU A 233 -39.96 -6.52 31.66
CA GLU A 233 -38.90 -5.80 32.40
C GLU A 233 -37.53 -6.46 32.18
N ARG A 234 -36.45 -5.73 32.46
CA ARG A 234 -35.07 -6.22 32.37
C ARG A 234 -34.91 -7.47 33.23
N PRO A 235 -34.52 -8.60 32.63
CA PRO A 235 -34.23 -9.79 33.43
C PRO A 235 -33.04 -9.60 34.34
N GLU A 236 -33.00 -10.37 35.42
CA GLU A 236 -31.93 -10.27 36.38
C GLU A 236 -30.62 -10.64 35.71
N GLY A 237 -29.60 -9.83 35.94
CA GLY A 237 -28.27 -10.09 35.36
C GLY A 237 -28.10 -9.62 33.91
N CYS A 238 -29.17 -9.11 33.29
CA CYS A 238 -29.11 -8.73 31.90
C CYS A 238 -28.39 -7.39 31.72
N PRO A 239 -27.29 -7.36 30.93
CA PRO A 239 -26.56 -6.08 30.76
C PRO A 239 -27.47 -4.94 30.28
N GLU A 240 -27.23 -3.72 30.75
CA GLU A 240 -28.09 -2.58 30.39
C GLU A 240 -28.16 -2.33 28.88
N LYS A 241 -27.03 -2.46 28.20
CA LYS A 241 -26.99 -2.27 26.76
C LYS A 241 -27.85 -3.32 26.04
N VAL A 242 -27.80 -4.55 26.52
CA VAL A 242 -28.61 -5.65 25.97
C VAL A 242 -30.11 -5.37 26.15
N TYR A 243 -30.50 -4.88 27.31
CA TYR A 243 -31.89 -4.50 27.51
C TYR A 243 -32.34 -3.32 26.62
N GLU A 244 -31.47 -2.34 26.40
CA GLU A 244 -31.77 -1.26 25.45
C GLU A 244 -32.10 -1.80 24.09
N LEU A 245 -31.32 -2.78 23.62
CA LEU A 245 -31.56 -3.41 22.31
C LEU A 245 -32.84 -4.22 22.26
N MET A 246 -33.03 -5.07 23.26
CA MET A 246 -34.29 -5.75 23.44
C MET A 246 -35.44 -4.74 23.27
N ARG A 247 -35.33 -3.58 23.93
CA ARG A 247 -36.41 -2.58 23.93
C ARG A 247 -36.57 -1.93 22.59
N ALA A 248 -35.45 -1.64 21.94
CA ALA A 248 -35.46 -1.12 20.59
C ALA A 248 -36.16 -2.09 19.65
N CYS A 249 -35.94 -3.40 19.87
CA CYS A 249 -36.61 -4.43 19.07
C CYS A 249 -38.12 -4.41 19.22
N TRP A 250 -38.61 -3.95 20.38
CA TRP A 250 -40.03 -3.96 20.71
C TRP A 250 -40.73 -2.61 20.51
N GLN A 251 -40.12 -1.70 19.73
CA GLN A 251 -40.81 -0.46 19.40
C GLN A 251 -42.11 -0.76 18.63
N TRP A 252 -43.18 -0.09 19.03
CA TRP A 252 -44.48 -0.23 18.37
C TRP A 252 -44.41 -0.12 16.84
N ASN A 253 -43.79 0.94 16.29
CA ASN A 253 -43.68 1.10 14.84
C ASN A 253 -42.52 0.27 14.34
N PRO A 254 -42.78 -0.62 13.38
CA PRO A 254 -41.77 -1.42 12.70
C PRO A 254 -40.51 -0.61 12.36
N SER A 255 -40.69 0.57 11.76
CA SER A 255 -39.57 1.36 11.23
C SER A 255 -38.75 2.05 12.31
N ASP A 256 -39.20 2.00 13.57
CA ASP A 256 -38.37 2.41 14.71
C ASP A 256 -37.49 1.31 15.28
N ARG A 257 -37.62 0.09 14.74
CA ARG A 257 -36.86 -1.02 15.25
C ARG A 257 -35.48 -1.01 14.57
N PRO A 258 -34.41 -1.38 15.31
CA PRO A 258 -33.12 -1.40 14.59
C PRO A 258 -33.10 -2.46 13.49
N SER A 259 -32.18 -2.31 12.53
CA SER A 259 -31.96 -3.31 11.52
C SER A 259 -31.08 -4.40 12.14
N PHE A 260 -31.15 -5.62 11.60
CA PHE A 260 -30.23 -6.70 12.05
C PHE A 260 -28.73 -6.39 11.81
N ALA A 261 -28.40 -5.62 10.77
CA ALA A 261 -27.00 -5.18 10.64
C ALA A 261 -26.62 -4.36 11.87
N GLU A 262 -27.46 -3.39 12.26
CA GLU A 262 -27.15 -2.61 13.47
C GLU A 262 -27.09 -3.54 14.69
N ILE A 263 -28.06 -4.45 14.80
CA ILE A 263 -28.07 -5.39 15.94
C ILE A 263 -26.81 -6.25 16.00
N HIS A 264 -26.44 -6.83 14.87
CA HIS A 264 -25.24 -7.68 14.81
C HIS A 264 -23.98 -6.88 15.16
N GLN A 265 -23.86 -5.69 14.59
CA GLN A 265 -22.77 -4.76 14.88
C GLN A 265 -22.63 -4.55 16.39
N ALA A 266 -23.74 -4.28 17.08
CA ALA A 266 -23.67 -4.02 18.52
C ALA A 266 -23.32 -5.25 19.34
N PHE A 267 -23.88 -6.42 18.98
CA PHE A 267 -23.46 -7.63 19.68
C PHE A 267 -22.01 -7.98 19.37
N GLU A 268 -21.58 -7.78 18.14
CA GLU A 268 -20.18 -8.07 17.77
C GLU A 268 -19.24 -7.27 18.68
N THR A 269 -19.47 -5.95 18.77
CA THR A 269 -18.70 -5.10 19.67
C THR A 269 -18.70 -5.67 21.09
N MET A 270 -19.88 -5.80 21.68
CA MET A 270 -20.02 -6.29 23.07
C MET A 270 -19.35 -7.63 23.30
N PHE A 271 -19.45 -8.55 22.34
CA PHE A 271 -18.78 -9.84 22.44
C PHE A 271 -17.25 -9.69 22.46
N GLN A 272 -16.71 -8.79 21.65
CA GLN A 272 -15.26 -8.58 21.63
C GLN A 272 -14.75 -7.97 22.94
N GLU A 273 -15.40 -6.92 23.43
CA GLU A 273 -14.99 -6.24 24.68
C GLU A 273 -15.00 -7.20 25.87
N SER A 274 -16.04 -8.02 25.94
CA SER A 274 -16.12 -9.03 26.99
C SER A 274 -15.00 -10.07 26.94
N SER A 275 -14.45 -10.30 25.74
CA SER A 275 -13.39 -11.29 25.55
C SER A 275 -11.99 -10.86 26.08
N ILE A 276 -11.96 -9.70 26.74
CA ILE A 276 -10.80 -9.23 27.50
C ILE A 276 -11.22 -8.95 28.96
N SER A 277 -11.94 -7.99 29.24
N LYS B 8 9.93 25.84 -20.20
CA LYS B 8 10.33 26.72 -21.35
C LYS B 8 11.71 26.34 -21.87
N TRP B 9 12.57 25.91 -20.94
CA TRP B 9 13.78 25.15 -21.28
C TRP B 9 13.34 23.75 -21.70
N GLU B 10 12.17 23.36 -21.19
CA GLU B 10 11.51 22.10 -21.53
C GLU B 10 11.31 21.97 -23.01
N MET B 11 11.23 20.73 -23.47
CA MET B 11 10.96 20.45 -24.86
C MET B 11 10.27 19.10 -24.98
N GLU B 12 10.10 18.60 -26.21
CA GLU B 12 9.34 17.37 -26.46
C GLU B 12 10.18 16.09 -26.59
N ARG B 13 10.01 15.16 -25.65
CA ARG B 13 10.70 13.85 -25.66
C ARG B 13 10.65 13.22 -27.04
N THR B 14 9.52 13.40 -27.71
CA THR B 14 9.25 12.78 -29.00
C THR B 14 10.07 13.41 -30.14
N ASP B 15 10.57 14.63 -29.94
CA ASP B 15 11.53 15.29 -30.86
C ASP B 15 12.86 14.55 -30.92
N ILE B 16 13.21 13.87 -29.83
CA ILE B 16 14.47 13.14 -29.71
C ILE B 16 14.36 11.69 -30.19
N THR B 17 15.14 11.35 -31.20
CA THR B 17 15.42 9.95 -31.52
C THR B 17 16.47 9.49 -30.52
N MET B 18 16.48 8.20 -30.17
CA MET B 18 17.40 7.69 -29.15
C MET B 18 18.32 6.60 -29.69
N LYS B 19 19.64 6.81 -29.60
CA LYS B 19 20.63 5.87 -30.14
C LYS B 19 21.35 5.06 -29.08
N HIS B 20 22.63 4.75 -29.31
CA HIS B 20 23.38 3.86 -28.42
C HIS B 20 23.68 4.45 -27.05
N LYS B 21 24.13 3.60 -26.13
CA LYS B 21 24.51 4.00 -24.77
C LYS B 21 25.88 4.65 -24.79
N LEU B 22 26.12 5.62 -23.92
CA LEU B 22 27.47 6.22 -23.83
C LEU B 22 28.29 5.80 -22.62
N GLY B 23 27.62 5.39 -21.54
CA GLY B 23 28.31 5.07 -20.29
C GLY B 23 28.60 6.34 -19.50
N GLY B 24 29.21 6.17 -18.32
CA GLY B 24 29.57 7.29 -17.45
C GLY B 24 28.46 7.89 -16.59
N GLY B 25 27.25 7.33 -16.68
CA GLY B 25 26.10 7.84 -15.94
C GLY B 25 26.19 7.65 -14.43
N GLN B 26 25.63 8.60 -13.68
CA GLN B 26 25.65 8.58 -12.22
C GLN B 26 24.25 8.35 -11.59
N TYR B 27 23.23 8.99 -12.15
CA TYR B 27 21.85 8.82 -11.72
C TYR B 27 21.04 7.96 -12.69
N GLY B 28 21.71 7.46 -13.72
CA GLY B 28 21.09 6.68 -14.77
C GLY B 28 21.91 6.77 -16.04
N GLU B 29 21.57 5.92 -17.00
CA GLU B 29 22.36 5.80 -18.24
C GLU B 29 22.39 7.10 -19.03
N VAL B 30 23.50 7.34 -19.72
CA VAL B 30 23.61 8.48 -20.63
C VAL B 30 23.67 8.01 -22.09
N TYR B 31 22.81 8.57 -22.92
CA TYR B 31 22.72 8.16 -24.34
C TYR B 31 23.08 9.27 -25.33
N GLU B 32 23.49 8.87 -26.53
CA GLU B 32 23.56 9.77 -27.69
C GLU B 32 22.23 9.86 -28.42
N GLY B 33 21.83 11.07 -28.79
CA GLY B 33 20.58 11.28 -29.53
C GLY B 33 20.61 12.36 -30.60
N VAL B 34 19.50 12.48 -31.35
CA VAL B 34 19.29 13.54 -32.35
C VAL B 34 18.05 14.39 -32.02
N TRP B 35 18.26 15.68 -31.76
CA TRP B 35 17.16 16.63 -31.58
C TRP B 35 16.60 16.96 -32.97
N LYS B 36 15.53 16.27 -33.36
CA LYS B 36 15.08 16.22 -34.76
C LYS B 36 14.89 17.56 -35.48
N LYS B 37 14.32 18.54 -34.79
CA LYS B 37 13.94 19.78 -35.44
C LYS B 37 15.03 20.85 -35.47
N TYR B 38 16.22 20.49 -34.99
CA TYR B 38 17.42 21.32 -35.20
C TYR B 38 18.54 20.51 -35.87
N SER B 39 18.18 19.33 -36.41
CA SER B 39 19.10 18.38 -37.05
C SER B 39 20.45 18.25 -36.32
N LEU B 40 20.37 18.10 -34.99
CA LEU B 40 21.50 18.27 -34.05
C LEU B 40 21.75 17.07 -33.13
N THR B 41 23.00 16.59 -33.07
CA THR B 41 23.33 15.48 -32.20
C THR B 41 23.58 15.92 -30.76
N VAL B 42 22.93 15.24 -29.83
CA VAL B 42 23.02 15.60 -28.43
C VAL B 42 23.39 14.40 -27.54
N ALA B 43 23.82 14.72 -26.31
CA ALA B 43 23.93 13.72 -25.28
C ALA B 43 22.69 13.86 -24.45
N VAL B 44 22.14 12.72 -24.04
CA VAL B 44 20.96 12.73 -23.20
C VAL B 44 21.27 11.98 -21.92
N LYS B 45 21.24 12.73 -20.82
CA LYS B 45 21.40 12.15 -19.50
C LYS B 45 20.02 11.66 -19.09
N THR B 46 19.92 10.39 -18.72
CA THR B 46 18.62 9.85 -18.25
C THR B 46 18.59 9.63 -16.73
N LEU B 47 17.38 9.79 -16.17
CA LEU B 47 17.10 9.37 -14.78
C LEU B 47 16.28 8.08 -14.73
N LYS B 48 16.80 7.11 -13.97
CA LYS B 48 16.10 5.84 -13.72
C LYS B 48 14.63 6.05 -13.34
N GLU B 49 13.84 5.01 -13.61
CA GLU B 49 12.41 4.99 -13.28
C GLU B 49 12.20 5.24 -11.79
N ASP B 50 12.77 4.34 -10.99
CA ASP B 50 12.51 4.24 -9.57
C ASP B 50 13.68 4.85 -8.80
N THR B 51 13.65 6.16 -8.62
CA THR B 51 14.70 6.88 -7.91
C THR B 51 14.17 7.73 -6.80
N MET B 52 15.02 7.92 -5.80
CA MET B 52 14.77 8.87 -4.75
C MET B 52 15.80 9.98 -4.96
N GLU B 53 16.19 10.16 -6.22
CA GLU B 53 17.21 11.17 -6.59
C GLU B 53 16.80 12.16 -7.70
N VAL B 54 15.49 12.32 -7.92
CA VAL B 54 14.97 13.27 -8.88
C VAL B 54 15.58 14.67 -8.67
N GLU B 55 15.53 15.15 -7.43
CA GLU B 55 15.98 16.51 -7.12
C GLU B 55 17.47 16.72 -7.35
N GLU B 56 18.30 15.72 -7.00
CA GLU B 56 19.76 15.80 -7.23
C GLU B 56 20.11 15.63 -8.71
N PHE B 57 19.15 15.14 -9.48
CA PHE B 57 19.28 15.01 -10.95
C PHE B 57 18.95 16.34 -11.60
N LEU B 58 17.69 16.74 -11.50
CA LEU B 58 17.22 18.04 -11.96
C LEU B 58 17.94 19.25 -11.35
N LYS B 59 18.77 19.01 -10.33
CA LYS B 59 19.67 20.03 -9.78
C LYS B 59 20.73 20.47 -10.81
N GLU B 60 21.26 19.50 -11.56
CA GLU B 60 22.22 19.80 -12.60
C GLU B 60 21.61 20.76 -13.64
N ALA B 61 20.44 20.42 -14.17
CA ALA B 61 19.75 21.28 -15.14
C ALA B 61 19.44 22.69 -14.62
N ALA B 62 19.17 22.83 -13.33
CA ALA B 62 18.84 24.15 -12.77
C ALA B 62 20.04 25.09 -12.64
N VAL B 63 21.24 24.52 -12.60
CA VAL B 63 22.47 25.31 -12.61
C VAL B 63 22.89 25.65 -14.05
N MET B 64 22.61 24.74 -14.98
CA MET B 64 22.97 24.90 -16.40
C MET B 64 22.14 25.98 -17.14
N LYS B 65 20.96 26.27 -16.61
CA LYS B 65 20.12 27.37 -17.08
C LYS B 65 20.78 28.72 -16.76
N GLU B 66 21.66 28.74 -15.76
CA GLU B 66 22.17 29.99 -15.21
C GLU B 66 23.62 30.28 -15.61
N ILE B 67 24.16 29.50 -16.54
CA ILE B 67 25.55 29.64 -16.98
C ILE B 67 25.71 29.41 -18.49
N LYS B 68 26.54 30.21 -19.13
CA LYS B 68 26.74 30.13 -20.57
C LYS B 68 28.17 30.59 -20.89
N HIS B 69 28.94 29.72 -21.51
CA HIS B 69 30.35 30.00 -21.80
C HIS B 69 30.86 29.04 -22.88
N PRO B 70 31.72 29.52 -23.80
CA PRO B 70 32.36 28.64 -24.79
C PRO B 70 32.98 27.34 -24.23
N ASN B 71 33.50 27.38 -23.01
CA ASN B 71 34.23 26.20 -22.48
C ASN B 71 33.51 25.46 -21.34
N LEU B 72 32.23 25.79 -21.09
CA LEU B 72 31.34 25.00 -20.22
C LEU B 72 30.38 24.25 -21.12
N VAL B 73 30.25 22.94 -20.95
CA VAL B 73 29.35 22.17 -21.82
C VAL B 73 27.95 22.72 -21.68
N GLN B 74 27.28 22.92 -22.80
CA GLN B 74 26.06 23.74 -22.85
C GLN B 74 24.79 22.90 -22.74
N LEU B 75 23.85 23.37 -21.92
CA LEU B 75 22.54 22.75 -21.80
C LEU B 75 21.65 23.11 -22.96
N LEU B 76 20.95 22.11 -23.50
CA LEU B 76 20.06 22.32 -24.64
C LEU B 76 18.57 22.27 -24.26
N GLY B 77 18.11 21.13 -23.75
CA GLY B 77 16.73 20.99 -23.28
C GLY B 77 16.56 20.08 -22.08
N VAL B 78 15.39 20.19 -21.44
CA VAL B 78 14.98 19.25 -20.37
C VAL B 78 13.61 18.60 -20.67
N CYS B 79 13.46 17.34 -20.24
CA CYS B 79 12.14 16.70 -20.21
C CYS B 79 11.77 16.35 -18.77
N THR B 80 11.01 17.24 -18.14
CA THR B 80 10.66 17.10 -16.72
C THR B 80 9.20 16.71 -16.52
N ARG B 81 8.51 16.41 -17.63
CA ARG B 81 7.12 15.99 -17.56
C ARG B 81 6.94 14.67 -16.79
N GLU B 82 7.62 13.61 -17.23
CA GLU B 82 7.40 12.24 -16.68
C GLU B 82 8.55 11.27 -16.98
N PRO B 83 8.58 10.11 -16.28
CA PRO B 83 9.66 9.12 -16.46
C PRO B 83 9.82 8.58 -17.90
N PRO B 84 11.07 8.39 -18.37
CA PRO B 84 12.31 8.83 -17.72
C PRO B 84 12.54 10.32 -17.93
N PHE B 85 13.18 10.99 -16.97
CA PHE B 85 13.55 12.38 -17.16
C PHE B 85 14.79 12.45 -18.05
N TYR B 86 14.94 13.58 -18.75
CA TYR B 86 15.99 13.79 -19.72
C TYR B 86 16.72 15.11 -19.49
N ILE B 87 18.05 15.07 -19.37
CA ILE B 87 18.81 16.30 -19.58
C ILE B 87 19.55 16.18 -20.91
N ILE B 88 19.22 17.09 -21.82
CA ILE B 88 19.81 17.12 -23.14
C ILE B 88 20.92 18.17 -23.16
N ILE B 89 22.12 17.70 -23.49
CA ILE B 89 23.32 18.52 -23.39
C ILE B 89 24.10 18.46 -24.70
N GLU B 90 24.69 19.60 -25.07
CA GLU B 90 25.64 19.67 -26.17
C GLU B 90 26.61 18.48 -26.19
N PHE B 91 26.73 17.84 -27.35
CA PHE B 91 27.53 16.62 -27.49
C PHE B 91 29.00 16.93 -27.77
N MET B 92 29.87 16.12 -27.16
CA MET B 92 31.32 16.23 -27.28
C MET B 92 31.84 14.89 -27.74
N THR B 93 32.49 14.85 -28.89
CA THR B 93 32.71 13.59 -29.61
C THR B 93 33.74 12.68 -29.00
N TYR B 94 34.62 13.20 -28.17
CA TYR B 94 35.73 12.39 -27.71
C TYR B 94 35.62 11.88 -26.26
N GLY B 95 34.54 12.24 -25.58
CA GLY B 95 34.31 11.81 -24.20
C GLY B 95 35.13 12.56 -23.14
N ASN B 96 35.51 11.86 -22.08
CA ASN B 96 36.25 12.46 -20.97
C ASN B 96 37.72 12.72 -21.24
N LEU B 97 38.21 13.81 -20.66
CA LEU B 97 39.58 14.26 -20.90
C LEU B 97 40.65 13.29 -20.41
N LEU B 98 40.37 12.60 -19.30
CA LEU B 98 41.32 11.66 -18.72
C LEU B 98 41.64 10.49 -19.65
N ASP B 99 40.62 9.89 -20.25
CA ASP B 99 40.82 8.80 -21.19
C ASP B 99 41.42 9.32 -22.49
N TYR B 100 41.04 10.54 -22.85
CA TYR B 100 41.56 11.17 -24.04
C TYR B 100 43.04 11.40 -23.88
N LEU B 101 43.45 11.82 -22.69
CA LEU B 101 44.85 12.10 -22.43
C LEU B 101 45.63 10.80 -22.39
N ARG B 102 45.02 9.76 -21.83
CA ARG B 102 45.69 8.49 -21.68
C ARG B 102 45.92 7.80 -23.01
N GLU B 103 44.97 8.00 -23.93
CA GLU B 103 44.96 7.28 -25.21
C GLU B 103 45.46 8.08 -26.42
N CYS B 104 45.39 9.41 -26.35
CA CYS B 104 45.83 10.24 -27.48
C CYS B 104 47.21 9.86 -28.00
N ASN B 105 47.48 10.29 -29.24
CA ASN B 105 48.81 10.25 -29.82
C ASN B 105 49.50 11.50 -29.35
N ARG B 106 50.57 11.33 -28.57
CA ARG B 106 51.18 12.47 -27.91
C ARG B 106 51.90 13.41 -28.86
N GLN B 107 52.04 12.97 -30.10
CA GLN B 107 52.65 13.79 -31.18
C GLN B 107 51.66 14.83 -31.67
N GLU B 108 50.41 14.41 -31.81
CA GLU B 108 49.28 15.27 -32.10
C GLU B 108 49.04 16.18 -30.88
N VAL B 109 49.02 15.58 -29.70
CA VAL B 109 48.76 16.31 -28.45
C VAL B 109 50.08 16.64 -27.73
N ASN B 110 50.83 17.59 -28.29
CA ASN B 110 52.15 17.97 -27.79
C ASN B 110 52.10 19.15 -26.80
N ALA B 111 53.28 19.64 -26.45
CA ALA B 111 53.41 20.80 -25.57
C ALA B 111 52.32 21.90 -25.77
N VAL B 112 52.22 22.44 -26.99
CA VAL B 112 51.27 23.52 -27.32
C VAL B 112 49.80 23.18 -27.02
N VAL B 113 49.40 21.96 -27.32
CA VAL B 113 48.03 21.53 -27.09
C VAL B 113 47.71 21.43 -25.58
N LEU B 114 48.69 20.99 -24.80
CA LEU B 114 48.56 20.96 -23.34
C LEU B 114 48.29 22.36 -22.78
N LEU B 115 49.05 23.35 -23.27
CA LEU B 115 48.78 24.76 -22.92
C LEU B 115 47.40 25.17 -23.38
N TYR B 116 46.93 24.60 -24.49
CA TYR B 116 45.64 25.03 -25.06
C TYR B 116 44.52 24.52 -24.15
N MET B 117 44.66 23.28 -23.71
CA MET B 117 43.73 22.64 -22.75
C MET B 117 43.59 23.41 -21.45
N ALA B 118 44.71 23.72 -20.83
CA ALA B 118 44.73 24.46 -19.57
C ALA B 118 44.13 25.84 -19.77
N THR B 119 44.43 26.45 -20.90
CA THR B 119 43.88 27.77 -21.22
C THR B 119 42.33 27.77 -21.32
N GLN B 120 41.77 26.76 -21.97
CA GLN B 120 40.32 26.66 -22.11
C GLN B 120 39.63 26.42 -20.77
N ILE B 121 40.17 25.50 -19.97
CA ILE B 121 39.55 25.14 -18.69
C ILE B 121 39.56 26.32 -17.74
N SER B 122 40.71 27.01 -17.69
CA SER B 122 40.85 28.19 -16.84
C SER B 122 39.94 29.32 -17.33
N SER B 123 39.70 29.39 -18.64
CA SER B 123 38.78 30.40 -19.15
C SER B 123 37.35 30.15 -18.62
N ALA B 124 36.91 28.91 -18.71
CA ALA B 124 35.66 28.50 -18.09
C ALA B 124 35.66 28.85 -16.60
N MET B 125 36.75 28.55 -15.91
CA MET B 125 36.73 28.69 -14.46
C MET B 125 36.76 30.16 -14.05
N GLU B 126 37.42 31.00 -14.86
CA GLU B 126 37.41 32.44 -14.65
C GLU B 126 35.98 32.98 -14.72
N TYR B 127 35.18 32.37 -15.60
CA TYR B 127 33.80 32.77 -15.79
C TYR B 127 32.89 32.37 -14.63
N LEU B 128 33.08 31.15 -14.16
CA LEU B 128 32.38 30.67 -12.98
C LEU B 128 32.79 31.55 -11.81
N GLU B 129 34.10 31.82 -11.70
CA GLU B 129 34.65 32.66 -10.63
C GLU B 129 33.94 34.02 -10.55
N LYS B 130 33.79 34.71 -11.68
CA LYS B 130 33.24 36.06 -11.64
C LYS B 130 31.77 36.09 -11.17
N LYS B 131 31.03 35.02 -11.49
CA LYS B 131 29.62 34.87 -11.14
C LYS B 131 29.33 34.41 -9.71
N ASN B 132 30.38 34.27 -8.90
CA ASN B 132 30.30 33.64 -7.56
C ASN B 132 29.80 32.17 -7.61
N PHE B 133 30.14 31.46 -8.69
CA PHE B 133 29.87 30.01 -8.82
C PHE B 133 31.09 29.14 -8.49
N ILE B 134 30.85 27.91 -8.00
CA ILE B 134 31.91 26.92 -7.80
C ILE B 134 31.54 25.60 -8.45
N HIS B 135 32.54 24.83 -8.87
CA HIS B 135 32.28 23.55 -9.52
C HIS B 135 32.31 22.36 -8.56
N ARG B 136 33.30 22.34 -7.66
CA ARG B 136 33.40 21.32 -6.62
C ARG B 136 33.93 19.96 -7.04
N ASP B 137 33.92 19.63 -8.33
CA ASP B 137 34.47 18.34 -8.75
C ASP B 137 35.33 18.47 -9.96
N LEU B 138 36.19 19.48 -9.96
CA LEU B 138 37.03 19.77 -11.11
C LEU B 138 38.13 18.73 -11.21
N ALA B 139 38.24 18.08 -12.35
CA ALA B 139 39.23 17.02 -12.57
C ALA B 139 39.13 16.57 -14.03
N ALA B 140 40.18 15.94 -14.53
CA ALA B 140 40.15 15.45 -15.90
C ALA B 140 38.91 14.60 -16.21
N ARG B 141 38.56 13.69 -15.31
CA ARG B 141 37.47 12.74 -15.57
C ARG B 141 36.12 13.47 -15.76
N ASN B 142 36.08 14.75 -15.41
CA ASN B 142 34.86 15.56 -15.53
C ASN B 142 34.94 16.65 -16.62
N CYS B 143 36.00 16.61 -17.41
CA CYS B 143 36.12 17.48 -18.57
C CYS B 143 35.81 16.70 -19.85
N LEU B 144 35.13 17.37 -20.79
CA LEU B 144 34.76 16.77 -22.08
C LEU B 144 35.62 17.28 -23.23
N VAL B 145 35.84 16.44 -24.23
CA VAL B 145 36.69 16.81 -25.37
C VAL B 145 35.96 16.70 -26.71
N GLY B 146 35.84 17.84 -27.40
CA GLY B 146 35.29 17.89 -28.77
C GLY B 146 36.32 17.66 -29.86
N GLU B 147 36.03 18.18 -31.05
CA GLU B 147 36.95 18.05 -32.19
C GLU B 147 38.02 19.14 -32.06
N ASN B 148 39.23 18.89 -32.55
CA ASN B 148 40.34 19.87 -32.50
C ASN B 148 40.76 20.31 -31.09
N HIS B 149 40.69 19.39 -30.14
CA HIS B 149 41.09 19.60 -28.73
C HIS B 149 40.26 20.64 -27.96
N LEU B 150 39.02 20.84 -28.39
CA LEU B 150 38.06 21.61 -27.63
C LEU B 150 37.84 20.91 -26.27
N VAL B 151 38.02 21.66 -25.20
CA VAL B 151 37.83 21.11 -23.88
C VAL B 151 36.81 21.95 -23.18
N LYS B 152 35.79 21.31 -22.63
CA LYS B 152 34.81 22.00 -21.79
C LYS B 152 34.65 21.33 -20.44
N VAL B 153 34.57 22.14 -19.40
CA VAL B 153 34.23 21.67 -18.04
C VAL B 153 32.80 21.11 -18.02
N ALA B 154 32.64 19.87 -17.57
CA ALA B 154 31.30 19.29 -17.50
C ALA B 154 30.92 18.89 -16.08
N ASP B 155 29.83 18.10 -15.98
CA ASP B 155 29.38 17.46 -14.74
C ASP B 155 29.06 18.49 -13.68
N PHE B 156 28.02 19.28 -13.91
CA PHE B 156 27.71 20.41 -13.06
C PHE B 156 26.87 20.08 -11.80
N GLY B 157 26.70 18.80 -11.49
CA GLY B 157 25.82 18.35 -10.41
C GLY B 157 26.08 19.05 -9.08
N LEU B 158 27.34 19.08 -8.70
CA LEU B 158 27.71 19.68 -7.43
C LEU B 158 27.94 21.18 -7.51
N SER B 159 27.96 21.72 -8.73
CA SER B 159 28.17 23.16 -8.97
C SER B 159 27.07 24.01 -8.35
N ARG B 160 27.46 25.12 -7.72
CA ARG B 160 26.53 25.89 -6.91
C ARG B 160 26.80 27.38 -6.98
N LEU B 161 25.72 28.17 -6.94
CA LEU B 161 25.83 29.59 -6.74
C LEU B 161 25.98 29.83 -5.24
N MET B 162 26.83 30.78 -4.86
CA MET B 162 27.12 30.99 -3.46
C MET B 162 26.59 32.32 -2.97
N THR B 163 26.15 32.38 -1.70
CA THR B 163 25.92 33.67 -1.05
C THR B 163 27.17 34.20 -0.36
N GLY B 164 27.95 33.31 0.25
CA GLY B 164 29.22 33.74 0.83
C GLY B 164 30.41 33.55 -0.09
N ASP B 165 31.59 33.46 0.52
CA ASP B 165 32.80 33.04 -0.16
C ASP B 165 32.91 31.52 -0.08
N THR B 166 32.09 30.91 0.78
CA THR B 166 32.18 29.48 1.17
C THR B 166 30.87 28.70 1.03
N THR B 168 29.40 24.95 2.53
CA THR B 168 29.61 23.79 3.38
C THR B 168 28.83 22.60 2.86
N ALA B 169 29.53 21.52 2.51
CA ALA B 169 28.92 20.27 2.02
C ALA B 169 28.19 19.55 3.15
N HIS B 170 27.53 18.43 2.81
CA HIS B 170 26.80 17.61 3.81
C HIS B 170 27.62 17.38 5.09
N ALA B 171 26.94 17.12 6.20
CA ALA B 171 27.62 16.84 7.47
C ALA B 171 28.55 15.60 7.43
N GLY B 172 28.51 14.82 6.34
CA GLY B 172 29.43 13.67 6.17
C GLY B 172 29.60 13.07 4.76
N ALA B 173 29.60 13.92 3.72
CA ALA B 173 29.74 13.45 2.33
C ALA B 173 31.18 13.08 2.00
N LYS B 174 31.36 12.27 0.95
CA LYS B 174 32.68 11.77 0.55
C LYS B 174 33.25 12.52 -0.65
N PHE B 175 34.58 12.62 -0.70
CA PHE B 175 35.28 13.47 -1.64
C PHE B 175 36.41 12.74 -2.35
N PRO B 176 36.64 13.05 -3.64
CA PRO B 176 37.86 12.58 -4.31
C PRO B 176 39.11 13.22 -3.68
N ILE B 177 39.61 12.53 -2.66
CA ILE B 177 40.61 13.05 -1.71
C ILE B 177 41.85 13.68 -2.35
N LYS B 178 42.31 13.11 -3.46
CA LYS B 178 43.51 13.60 -4.11
C LYS B 178 43.32 14.88 -4.94
N TRP B 179 42.06 15.28 -5.16
CA TRP B 179 41.73 16.54 -5.84
C TRP B 179 41.17 17.59 -4.87
N THR B 180 41.03 17.23 -3.60
CA THR B 180 40.31 18.07 -2.67
C THR B 180 41.24 18.96 -1.85
N ALA B 181 40.95 20.26 -1.85
CA ALA B 181 41.70 21.21 -1.04
C ALA B 181 41.70 20.75 0.42
N PRO B 182 42.82 20.99 1.11
CA PRO B 182 42.89 20.57 2.51
C PRO B 182 41.77 21.12 3.41
N GLU B 183 41.45 22.41 3.29
CA GLU B 183 40.34 22.97 4.07
C GLU B 183 38.99 22.30 3.73
N SER B 184 38.88 21.79 2.52
CA SER B 184 37.68 21.05 2.17
C SER B 184 37.71 19.68 2.82
N LEU B 185 38.89 19.06 2.92
CA LEU B 185 39.03 17.80 3.64
C LEU B 185 38.77 17.97 5.14
N ALA B 186 39.35 19.00 5.75
CA ALA B 186 39.21 19.21 7.18
C ALA B 186 37.82 19.74 7.56
N TYR B 187 37.32 20.74 6.86
CA TYR B 187 36.10 21.42 7.33
C TYR B 187 34.88 21.31 6.41
N ASN B 188 35.02 20.62 5.29
CA ASN B 188 33.96 20.60 4.28
C ASN B 188 33.68 21.97 3.64
N LYS B 189 34.56 22.94 3.85
CA LYS B 189 34.41 24.27 3.24
C LYS B 189 34.95 24.31 1.81
N PHE B 190 34.06 24.27 0.82
CA PHE B 190 34.45 24.44 -0.57
C PHE B 190 34.31 25.88 -0.99
N SER B 191 35.21 26.34 -1.85
CA SER B 191 35.17 27.72 -2.35
C SER B 191 35.77 27.76 -3.76
N ILE B 192 35.78 28.94 -4.38
CA ILE B 192 36.42 29.05 -5.68
C ILE B 192 37.92 28.71 -5.53
N LYS B 193 38.47 29.08 -4.37
CA LYS B 193 39.84 28.73 -4.01
C LYS B 193 40.06 27.22 -3.85
N SER B 194 39.05 26.46 -3.42
CA SER B 194 39.22 25.00 -3.45
C SER B 194 39.18 24.46 -4.89
N ASP B 195 38.42 25.13 -5.75
CA ASP B 195 38.41 24.85 -7.19
C ASP B 195 39.77 25.17 -7.79
N VAL B 196 40.41 26.23 -7.31
CA VAL B 196 41.76 26.54 -7.75
C VAL B 196 42.69 25.40 -7.36
N TRP B 197 42.56 24.90 -6.13
CA TRP B 197 43.38 23.74 -5.70
C TRP B 197 43.19 22.57 -6.69
N ALA B 198 41.94 22.20 -6.92
CA ALA B 198 41.65 21.08 -7.82
C ALA B 198 42.22 21.31 -9.23
N PHE B 199 42.14 22.55 -9.71
CA PHE B 199 42.74 22.91 -11.02
C PHE B 199 44.20 22.61 -11.03
N GLY B 200 44.87 22.86 -9.90
CA GLY B 200 46.30 22.52 -9.81
C GLY B 200 46.50 21.05 -10.11
N VAL B 201 45.67 20.21 -9.48
CA VAL B 201 45.78 18.77 -9.66
C VAL B 201 45.43 18.44 -11.10
N LEU B 202 44.45 19.13 -11.64
CA LEU B 202 44.06 18.90 -13.04
C LEU B 202 45.21 19.25 -13.97
N LEU B 203 45.97 20.30 -13.66
CA LEU B 203 47.19 20.61 -14.41
C LEU B 203 48.19 19.48 -14.43
N TRP B 204 48.29 18.79 -13.31
CA TRP B 204 49.23 17.70 -13.15
C TRP B 204 48.78 16.49 -13.98
N GLU B 205 47.48 16.20 -14.01
CA GLU B 205 46.94 15.17 -14.92
C GLU B 205 47.29 15.50 -16.38
N ILE B 206 47.05 16.76 -16.76
CA ILE B 206 47.32 17.21 -18.13
C ILE B 206 48.81 16.97 -18.42
N ALA B 207 49.69 17.49 -17.58
CA ALA B 207 51.11 17.44 -17.87
C ALA B 207 51.64 16.01 -17.88
N THR B 208 50.88 15.09 -17.29
CA THR B 208 51.33 13.70 -17.20
C THR B 208 50.58 12.79 -18.15
N TYR B 209 49.68 13.34 -18.95
CA TYR B 209 48.89 12.51 -19.86
C TYR B 209 48.04 11.49 -19.14
N GLY B 210 47.46 11.91 -18.02
CA GLY B 210 46.46 11.11 -17.33
C GLY B 210 46.94 10.13 -16.28
N MET B 211 48.14 10.33 -15.74
CA MET B 211 48.55 9.53 -14.58
C MET B 211 47.66 9.82 -13.38
N SER B 212 47.73 8.92 -12.40
CA SER B 212 46.94 9.02 -11.18
C SER B 212 47.78 9.85 -10.20
N PRO B 213 47.16 10.86 -9.54
CA PRO B 213 47.94 11.75 -8.67
C PRO B 213 48.38 11.09 -7.36
N TYR B 214 49.48 11.60 -6.81
CA TYR B 214 50.08 11.04 -5.59
C TYR B 214 50.25 9.51 -5.71
N PRO B 215 50.93 9.04 -6.79
CA PRO B 215 50.98 7.61 -7.04
C PRO B 215 51.71 6.86 -5.93
N GLY B 216 51.09 5.80 -5.43
CA GLY B 216 51.75 5.00 -4.39
C GLY B 216 51.43 5.41 -2.96
N ILE B 217 50.96 6.65 -2.78
CA ILE B 217 50.63 7.19 -1.47
C ILE B 217 49.23 6.77 -1.06
N ASP B 218 49.10 6.20 0.12
CA ASP B 218 47.78 5.75 0.60
C ASP B 218 46.92 6.94 0.92
N LEU B 219 45.63 6.85 0.60
CA LEU B 219 44.69 7.95 0.85
C LEU B 219 44.70 8.41 2.29
N SER B 220 45.21 7.59 3.20
CA SER B 220 45.15 7.98 4.61
C SER B 220 46.26 8.94 5.02
N GLN B 221 47.26 9.13 4.17
CA GLN B 221 48.40 10.01 4.50
C GLN B 221 48.33 11.42 3.87
N VAL B 222 47.44 11.57 2.90
CA VAL B 222 47.42 12.74 2.02
C VAL B 222 47.27 14.05 2.80
N TYR B 223 46.26 14.14 3.67
CA TYR B 223 46.02 15.39 4.34
C TYR B 223 47.20 15.77 5.21
N GLU B 224 47.67 14.84 6.04
CA GLU B 224 48.86 15.10 6.85
C GLU B 224 50.08 15.53 6.02
N LEU B 225 50.33 14.84 4.92
CA LEU B 225 51.48 15.17 4.07
C LEU B 225 51.38 16.58 3.52
N LEU B 226 50.17 16.93 3.08
CA LEU B 226 49.89 18.27 2.62
C LEU B 226 50.07 19.28 3.75
N GLU B 227 49.60 18.94 4.95
CA GLU B 227 49.72 19.87 6.08
C GLU B 227 51.17 20.09 6.38
N LYS B 228 51.98 19.09 6.07
CA LYS B 228 53.37 19.15 6.40
C LYS B 228 54.20 19.47 5.19
N ASP B 229 53.54 20.00 4.15
CA ASP B 229 54.22 20.68 3.03
C ASP B 229 54.71 19.80 1.88
N TYR B 230 54.39 18.51 1.94
CA TYR B 230 54.60 17.68 0.79
C TYR B 230 53.73 18.22 -0.34
N ARG B 231 54.32 18.27 -1.56
CA ARG B 231 53.60 18.54 -2.79
C ARG B 231 54.17 17.65 -3.89
N MET B 232 53.34 17.29 -4.86
CA MET B 232 53.78 16.54 -6.03
C MET B 232 54.91 17.26 -6.72
N GLU B 233 55.86 16.47 -7.20
CA GLU B 233 57.00 17.02 -7.91
C GLU B 233 56.65 17.28 -9.37
N ARG B 234 57.40 18.20 -9.96
CA ARG B 234 57.32 18.56 -11.37
C ARG B 234 57.32 17.32 -12.27
N PRO B 235 56.25 17.12 -13.03
CA PRO B 235 56.19 16.05 -14.01
C PRO B 235 57.26 16.24 -15.07
N GLU B 236 57.87 15.16 -15.49
CA GLU B 236 58.90 15.20 -16.52
C GLU B 236 58.36 15.88 -17.79
N GLY B 237 59.06 16.91 -18.26
CA GLY B 237 58.68 17.64 -19.47
C GLY B 237 57.82 18.87 -19.22
N CYS B 238 57.30 18.96 -18.00
CA CYS B 238 56.46 20.10 -17.61
C CYS B 238 57.26 21.39 -17.48
N PRO B 239 56.87 22.44 -18.21
CA PRO B 239 57.67 23.67 -18.20
C PRO B 239 57.73 24.28 -16.80
N GLU B 240 58.84 24.94 -16.49
CA GLU B 240 59.04 25.56 -15.19
C GLU B 240 57.88 26.49 -14.79
N LYS B 241 57.39 27.29 -15.73
CA LYS B 241 56.33 28.26 -15.42
C LYS B 241 55.00 27.60 -15.08
N VAL B 242 54.67 26.53 -15.79
CA VAL B 242 53.44 25.81 -15.52
C VAL B 242 53.49 25.11 -14.15
N TYR B 243 54.65 24.52 -13.83
CA TYR B 243 54.87 23.94 -12.50
C TYR B 243 54.72 24.94 -11.36
N GLU B 244 55.22 26.15 -11.56
CA GLU B 244 55.06 27.25 -10.61
C GLU B 244 53.58 27.59 -10.41
N LEU B 245 52.81 27.57 -11.49
CA LEU B 245 51.37 27.74 -11.36
C LEU B 245 50.71 26.63 -10.56
N MET B 246 51.07 25.38 -10.83
CA MET B 246 50.61 24.26 -10.01
C MET B 246 50.81 24.54 -8.53
N ARG B 247 52.05 24.84 -8.16
CA ARG B 247 52.43 25.04 -6.77
C ARG B 247 51.67 26.18 -6.13
N ALA B 248 51.42 27.22 -6.92
CA ALA B 248 50.70 28.40 -6.44
C ALA B 248 49.26 28.04 -6.16
N CYS B 249 48.67 27.19 -6.98
CA CYS B 249 47.34 26.62 -6.69
C CYS B 249 47.33 25.76 -5.45
N TRP B 250 48.50 25.25 -5.03
CA TRP B 250 48.58 24.38 -3.86
C TRP B 250 49.12 25.08 -2.63
N GLN B 251 48.98 26.40 -2.57
CA GLN B 251 49.29 27.10 -1.34
C GLN B 251 48.36 26.57 -0.25
N TRP B 252 48.89 26.43 0.96
CA TRP B 252 48.12 25.98 2.11
C TRP B 252 46.95 26.91 2.39
N ASN B 253 47.20 28.23 2.40
CA ASN B 253 46.14 29.21 2.73
C ASN B 253 45.31 29.56 1.51
N PRO B 254 43.98 29.32 1.57
CA PRO B 254 43.13 29.59 0.40
C PRO B 254 43.38 30.95 -0.26
N SER B 255 43.62 31.97 0.55
CA SER B 255 43.78 33.30 -0.03
C SER B 255 45.17 33.59 -0.58
N ASP B 256 46.14 32.70 -0.35
CA ASP B 256 47.45 32.79 -1.01
C ASP B 256 47.44 32.19 -2.42
N ARG B 257 46.38 31.48 -2.78
CA ARG B 257 46.25 30.88 -4.13
C ARG B 257 45.82 31.94 -5.15
N PRO B 258 46.31 31.83 -6.40
CA PRO B 258 45.91 32.79 -7.41
C PRO B 258 44.44 32.66 -7.74
N SER B 259 43.89 33.68 -8.39
CA SER B 259 42.53 33.64 -8.93
C SER B 259 42.60 33.00 -10.32
N PHE B 260 41.46 32.52 -10.81
CA PHE B 260 41.37 31.97 -12.18
C PHE B 260 41.58 33.04 -13.25
N ALA B 261 41.30 34.30 -12.91
CA ALA B 261 41.58 35.41 -13.82
C ALA B 261 43.07 35.49 -13.98
N GLU B 262 43.81 35.46 -12.86
CA GLU B 262 45.28 35.46 -12.90
C GLU B 262 45.82 34.22 -13.62
N ILE B 263 45.25 33.06 -13.30
CA ILE B 263 45.66 31.83 -13.95
C ILE B 263 45.43 31.84 -15.47
N HIS B 264 44.25 32.26 -15.88
CA HIS B 264 43.93 32.35 -17.29
C HIS B 264 44.87 33.33 -18.01
N GLN B 265 45.08 34.50 -17.42
CA GLN B 265 45.98 35.50 -17.97
C GLN B 265 47.32 34.83 -18.27
N ALA B 266 47.97 34.27 -17.24
CA ALA B 266 49.26 33.57 -17.39
C ALA B 266 49.28 32.51 -18.50
N PHE B 267 48.25 31.68 -18.57
CA PHE B 267 48.17 30.70 -19.62
C PHE B 267 48.00 31.32 -20.99
N GLU B 268 47.17 32.38 -21.06
CA GLU B 268 46.93 33.10 -22.29
C GLU B 268 48.26 33.64 -22.84
N THR B 269 49.00 34.37 -22.00
CA THR B 269 50.34 34.81 -22.35
C THR B 269 51.11 33.64 -22.97
N MET B 270 51.31 32.59 -22.17
CA MET B 270 52.10 31.41 -22.54
C MET B 270 51.68 30.74 -23.86
N PHE B 271 50.39 30.80 -24.18
CA PHE B 271 49.83 30.09 -25.34
C PHE B 271 50.11 30.81 -26.65
N GLN B 272 50.21 32.14 -26.59
CA GLN B 272 50.55 32.94 -27.77
C GLN B 272 52.03 32.79 -28.12
N GLU B 273 52.89 32.70 -27.12
CA GLU B 273 54.34 32.54 -27.35
C GLU B 273 54.73 31.12 -27.81
N SER B 274 53.93 30.12 -27.42
CA SER B 274 54.16 28.74 -27.84
C SER B 274 53.73 28.51 -29.29
N SER B 275 52.75 29.30 -29.74
CA SER B 275 52.37 29.38 -31.15
C SER B 275 53.38 30.26 -31.95
N ILE B 276 54.53 30.51 -31.33
CA ILE B 276 55.73 31.05 -31.99
C ILE B 276 56.85 29.98 -31.84
N SER B 277 57.55 29.87 -30.83
#